data_6XCA
#
_entry.id   6XCA
#
_cell.length_a   67.413
_cell.length_b   120.081
_cell.length_c   123.329
_cell.angle_alpha   90.000
_cell.angle_beta   90.000
_cell.angle_gamma   90.000
#
_symmetry.space_group_name_H-M   'I 2 2 2'
#
loop_
_entity.id
_entity.type
_entity.pdbx_description
1 polymer 'C105 Heavy Chain'
2 polymer 'C105 Light Chain'
3 non-polymer 'SULFATE ION'
4 water water
#
loop_
_entity_poly.entity_id
_entity_poly.type
_entity_poly.pdbx_seq_one_letter_code
_entity_poly.pdbx_strand_id
1 'polypeptide(L)'
;QVQLVESGGGLIQPGGSLRLSCAASGFTVSSNYMSWVRQAPGKGLEWVSVIYSGGSTYYADSVKGRFTISRDNSKNTLYL
QMNSLRAEDTAVYYCARGEGWELPYDYWGQGTLVTVSSASTKGPSVFPLAPSSKSTSGGTAALGCLVKDYFPEPVTVSWN
SGALTSGVHTFPAVLQSSGLYSLSSVVTVPSSSLGTQTYICNVNHKPSNTKVDKRVEPKSCDKTHHHHHH
;
H
2 'polypeptide(L)'
;QSALTQPPSGSGSPGQSVTISCTGTSSDVGGYKYVSWYQQHPGKAPKLMIYEVSKRPSGVPDRFSGSKSGNTASLTVSGL
QAEDEADYYCSSYEGSNNFVVFGGGTKLTVLGQPKAAPSVTLFPPSSEELQANKATLVCLISDFYPGAVTVAWKADSSPV
KAGVETTTPSKQSNNKYAASSYLSLTPEQWKSHRSYSCQVTHEGSTVEKTVAPTECS
;
L
#
loop_
_chem_comp.id
_chem_comp.type
_chem_comp.name
_chem_comp.formula
SO4 non-polymer 'SULFATE ION' 'O4 S -2'
#
# COMPACT_ATOMS: atom_id res chain seq x y z
N VAL A 2 -11.19 -16.13 15.00
CA VAL A 2 -10.57 -14.95 15.62
C VAL A 2 -10.64 -13.79 14.64
N GLN A 3 -11.15 -12.65 15.11
CA GLN A 3 -11.22 -11.45 14.30
C GLN A 3 -10.76 -10.25 15.10
N LEU A 4 -10.02 -9.37 14.42
CA LEU A 4 -9.48 -8.14 15.01
C LEU A 4 -9.79 -7.02 14.04
N VAL A 5 -10.63 -6.07 14.44
CA VAL A 5 -11.08 -5.01 13.53
C VAL A 5 -10.70 -3.66 14.15
N GLU A 6 -9.78 -2.96 13.49
CA GLU A 6 -9.27 -1.71 14.03
C GLU A 6 -10.02 -0.50 13.48
N SER A 7 -9.96 0.59 14.25
CA SER A 7 -10.51 1.87 13.82
C SER A 7 -9.76 2.97 14.55
N GLY A 8 -10.02 4.22 14.16
CA GLY A 8 -9.51 5.37 14.87
C GLY A 8 -8.45 6.17 14.16
N GLY A 9 -7.84 5.65 13.10
CA GLY A 9 -6.78 6.38 12.44
C GLY A 9 -7.29 7.65 11.75
N GLY A 10 -6.35 8.52 11.41
CA GLY A 10 -6.69 9.73 10.69
C GLY A 10 -5.50 10.67 10.61
N LEU A 11 -5.76 11.87 10.10
CA LEU A 11 -4.75 12.93 10.04
C LEU A 11 -4.80 13.75 11.32
N ILE A 12 -3.64 14.01 11.92
CA ILE A 12 -3.56 14.79 13.15
C ILE A 12 -2.30 15.65 13.09
N GLN A 13 -2.38 16.86 13.66
CA GLN A 13 -1.23 17.76 13.67
C GLN A 13 -0.18 17.28 14.68
N PRO A 14 1.11 17.58 14.45
CA PRO A 14 2.13 17.25 15.44
C PRO A 14 1.80 17.88 16.78
N GLY A 15 2.05 17.13 17.86
CA GLY A 15 1.64 17.54 19.19
C GLY A 15 0.23 17.12 19.58
N GLY A 16 -0.60 16.67 18.63
CA GLY A 16 -1.95 16.27 18.92
C GLY A 16 -2.06 14.85 19.44
N SER A 17 -3.30 14.42 19.67
CA SER A 17 -3.60 13.13 20.28
C SER A 17 -4.62 12.36 19.44
N LEU A 18 -4.48 11.03 19.45
CA LEU A 18 -5.39 10.14 18.73
C LEU A 18 -5.53 8.85 19.52
N ARG A 19 -6.72 8.27 19.53
CA ARG A 19 -6.91 6.97 20.19
C ARG A 19 -7.30 5.93 19.15
N LEU A 20 -6.53 4.86 19.08
CA LEU A 20 -6.84 3.75 18.19
C LEU A 20 -7.57 2.67 18.96
N SER A 21 -8.44 1.95 18.27
CA SER A 21 -9.23 0.87 18.83
C SER A 21 -9.02 -0.40 18.02
N CYS A 22 -9.12 -1.53 18.72
CA CYS A 22 -8.98 -2.85 18.10
C CYS A 22 -10.10 -3.68 18.73
N ALA A 23 -11.16 -3.93 17.96
CA ALA A 23 -12.29 -4.73 18.44
C ALA A 23 -12.03 -6.20 18.11
N ALA A 24 -12.19 -7.06 19.11
CA ALA A 24 -11.84 -8.46 18.97
C ALA A 24 -13.05 -9.35 19.13
N SER A 25 -12.99 -10.50 18.47
CA SER A 25 -13.96 -11.56 18.71
C SER A 25 -13.25 -12.90 18.51
N GLY A 26 -13.85 -13.96 19.05
CA GLY A 26 -13.25 -15.27 19.01
C GLY A 26 -12.28 -15.56 20.12
N PHE A 27 -12.06 -14.61 21.03
CA PHE A 27 -11.22 -14.78 22.21
C PHE A 27 -11.47 -13.58 23.13
N THR A 28 -11.00 -13.70 24.37
CA THR A 28 -11.23 -12.70 25.40
C THR A 28 -9.98 -11.84 25.56
N VAL A 29 -10.10 -10.54 25.25
CA VAL A 29 -8.90 -9.69 25.34
C VAL A 29 -8.40 -9.62 26.77
N SER A 30 -9.29 -9.68 27.76
CA SER A 30 -8.91 -9.49 29.15
C SER A 30 -8.03 -10.61 29.68
N SER A 31 -7.96 -11.76 29.01
CA SER A 31 -7.15 -12.88 29.45
C SER A 31 -6.02 -13.22 28.48
N ASN A 32 -5.71 -12.34 27.53
CA ASN A 32 -4.77 -12.64 26.47
C ASN A 32 -3.68 -11.58 26.40
N TYR A 33 -2.61 -11.91 25.68
CA TYR A 33 -1.56 -10.94 25.35
C TYR A 33 -1.92 -10.29 24.02
N MET A 34 -1.73 -8.96 23.93
CA MET A 34 -2.02 -8.21 22.71
C MET A 34 -0.93 -7.17 22.50
N SER A 35 -0.60 -6.92 21.24
CA SER A 35 0.43 -5.95 20.90
C SER A 35 -0.07 -4.98 19.84
N TRP A 36 0.64 -3.85 19.74
CA TRP A 36 0.53 -2.92 18.63
C TRP A 36 1.85 -2.93 17.89
N VAL A 37 1.79 -3.03 16.56
CA VAL A 37 2.95 -3.02 15.69
C VAL A 37 2.66 -2.04 14.56
N ARG A 38 3.65 -1.23 14.17
CA ARG A 38 3.36 -0.23 13.15
C ARG A 38 4.32 -0.36 11.99
N GLN A 39 3.90 0.19 10.85
CA GLN A 39 4.66 0.07 9.61
C GLN A 39 4.62 1.40 8.89
N ALA A 40 5.76 2.08 8.84
CA ALA A 40 5.83 3.40 8.21
C ALA A 40 5.77 3.24 6.69
N PRO A 41 5.27 4.27 5.98
CA PRO A 41 5.11 4.14 4.52
C PRO A 41 6.36 3.64 3.83
N GLY A 42 6.23 2.54 3.09
CA GLY A 42 7.34 1.97 2.35
C GLY A 42 8.45 1.36 3.19
N LYS A 43 8.23 1.11 4.48
CA LYS A 43 9.29 0.61 5.34
C LYS A 43 8.86 -0.68 6.03
N GLY A 44 9.62 -1.07 7.07
CA GLY A 44 9.43 -2.33 7.74
C GLY A 44 8.55 -2.20 8.97
N LEU A 45 8.50 -3.29 9.73
CA LEU A 45 7.68 -3.39 10.93
C LEU A 45 8.45 -2.93 12.16
N GLU A 46 7.74 -2.25 13.07
CA GLU A 46 8.30 -1.81 14.35
C GLU A 46 7.31 -2.14 15.47
N TRP A 47 7.76 -2.91 16.45
CA TRP A 47 6.93 -3.15 17.64
C TRP A 47 6.74 -1.86 18.44
N VAL A 48 5.52 -1.65 18.94
CA VAL A 48 5.15 -0.42 19.64
C VAL A 48 4.87 -0.67 21.12
N SER A 49 3.99 -1.63 21.43
CA SER A 49 3.52 -1.79 22.81
C SER A 49 2.89 -3.16 22.96
N VAL A 50 2.80 -3.61 24.22
CA VAL A 50 2.19 -4.90 24.54
C VAL A 50 1.48 -4.78 25.87
N ILE A 51 0.41 -5.55 26.02
CA ILE A 51 -0.24 -5.72 27.31
C ILE A 51 -0.33 -7.22 27.55
N TYR A 52 0.04 -7.64 28.76
CA TYR A 52 0.11 -9.04 29.11
C TYR A 52 -1.26 -9.49 29.63
N SER A 53 -1.43 -10.80 29.80
CA SER A 53 -2.71 -11.30 30.30
C SER A 53 -3.05 -10.72 31.66
N GLY A 54 -2.05 -10.56 32.54
CA GLY A 54 -2.32 -9.97 33.83
C GLY A 54 -2.27 -8.46 33.89
N GLY A 55 -2.07 -7.77 32.76
CA GLY A 55 -2.16 -6.32 32.74
C GLY A 55 -0.85 -5.56 32.72
N SER A 56 0.29 -6.25 32.81
CA SER A 56 1.57 -5.57 32.67
C SER A 56 1.72 -5.02 31.26
N THR A 57 2.33 -3.83 31.14
CA THR A 57 2.50 -3.18 29.85
C THR A 57 3.97 -2.84 29.63
N TYR A 58 4.36 -2.88 28.36
CA TYR A 58 5.70 -2.50 27.92
C TYR A 58 5.60 -1.70 26.62
N TYR A 59 6.61 -0.86 26.38
CA TYR A 59 6.59 0.08 25.26
C TYR A 59 7.97 0.14 24.62
N ALA A 60 8.00 0.39 23.32
CA ALA A 60 9.25 0.74 22.65
C ALA A 60 9.77 2.08 23.19
N ASP A 61 11.09 2.22 23.25
CA ASP A 61 11.67 3.43 23.83
C ASP A 61 11.19 4.70 23.12
N SER A 62 10.97 4.63 21.81
CA SER A 62 10.61 5.84 21.08
C SER A 62 9.20 6.35 21.41
N VAL A 63 8.33 5.55 22.04
CA VAL A 63 6.99 6.00 22.36
C VAL A 63 6.72 6.08 23.86
N LYS A 64 7.70 5.75 24.71
CA LYS A 64 7.41 5.74 26.14
C LYS A 64 7.08 7.13 26.66
N GLY A 65 6.09 7.18 27.55
CA GLY A 65 5.60 8.43 28.10
C GLY A 65 4.61 9.15 27.21
N ARG A 66 4.48 8.73 25.96
CA ARG A 66 3.57 9.38 25.02
C ARG A 66 2.40 8.48 24.65
N PHE A 67 2.63 7.18 24.54
CA PHE A 67 1.62 6.20 24.17
C PHE A 67 1.21 5.40 25.41
N THR A 68 -0.07 5.01 25.45
CA THR A 68 -0.58 4.18 26.55
C THR A 68 -1.45 3.08 25.96
N ILE A 69 -1.15 1.84 26.28
CA ILE A 69 -1.96 0.70 25.83
C ILE A 69 -2.93 0.33 26.95
N SER A 70 -4.15 -0.08 26.57
CA SER A 70 -5.14 -0.46 27.56
C SER A 70 -6.21 -1.31 26.89
N ARG A 71 -7.16 -1.77 27.69
CA ARG A 71 -8.21 -2.62 27.17
C ARG A 71 -9.47 -2.42 27.99
N ASP A 72 -10.61 -2.68 27.36
CA ASP A 72 -11.92 -2.60 27.99
C ASP A 72 -12.49 -4.00 27.95
N ASN A 73 -12.62 -4.63 29.12
CA ASN A 73 -13.01 -6.04 29.18
C ASN A 73 -14.44 -6.23 28.69
N SER A 74 -15.35 -5.36 29.12
CA SER A 74 -16.75 -5.51 28.74
C SER A 74 -16.98 -5.26 27.25
N LYS A 75 -16.16 -4.40 26.61
CA LYS A 75 -16.28 -4.16 25.18
C LYS A 75 -15.35 -5.04 24.36
N ASN A 76 -14.56 -5.90 25.00
CA ASN A 76 -13.61 -6.79 24.34
C ASN A 76 -12.76 -6.04 23.32
N THR A 77 -12.20 -4.92 23.75
CA THR A 77 -11.52 -4.00 22.84
C THR A 77 -10.17 -3.59 23.43
N LEU A 78 -9.18 -3.48 22.56
CA LEU A 78 -7.85 -2.98 22.91
C LEU A 78 -7.71 -1.56 22.38
N TYR A 79 -6.98 -0.71 23.13
CA TYR A 79 -6.78 0.67 22.71
C TYR A 79 -5.31 1.05 22.70
N LEU A 80 -4.98 2.03 21.86
CA LEU A 80 -3.68 2.70 21.95
C LEU A 80 -3.95 4.20 21.99
N GLN A 81 -3.69 4.82 23.14
CA GLN A 81 -3.78 6.27 23.29
C GLN A 81 -2.44 6.86 22.90
N MET A 82 -2.42 7.71 21.89
CA MET A 82 -1.18 8.30 21.38
C MET A 82 -1.22 9.80 21.61
N ASN A 83 -0.35 10.29 22.49
CA ASN A 83 -0.25 11.72 22.76
C ASN A 83 1.06 12.28 22.22
N SER A 84 1.11 13.61 22.13
CA SER A 84 2.32 14.31 21.68
C SER A 84 2.88 13.67 20.41
N LEU A 85 2.02 13.49 19.42
CA LEU A 85 2.41 12.81 18.20
C LEU A 85 3.45 13.62 17.42
N ARG A 86 4.35 12.89 16.76
CA ARG A 86 5.38 13.48 15.91
C ARG A 86 5.25 12.93 14.50
N ALA A 87 5.85 13.64 13.54
CA ALA A 87 5.82 13.18 12.15
C ALA A 87 6.38 11.76 12.04
N GLU A 88 7.32 11.40 12.92
CA GLU A 88 7.94 10.09 12.95
C GLU A 88 6.95 8.97 13.31
N ASP A 89 5.78 9.32 13.85
CA ASP A 89 4.78 8.33 14.23
C ASP A 89 3.81 7.98 13.09
N THR A 90 3.94 8.64 11.94
CA THR A 90 3.14 8.30 10.78
C THR A 90 3.40 6.85 10.37
N ALA A 91 2.32 6.05 10.27
CA ALA A 91 2.44 4.63 9.96
C ALA A 91 1.05 4.02 9.85
N VAL A 92 0.99 2.81 9.28
CA VAL A 92 -0.15 1.93 9.50
C VAL A 92 0.08 1.20 10.82
N TYR A 93 -0.89 1.29 11.71
CA TYR A 93 -0.81 0.62 13.01
C TYR A 93 -1.65 -0.65 12.96
N TYR A 94 -1.05 -1.76 13.38
CA TYR A 94 -1.73 -3.05 13.47
C TYR A 94 -1.87 -3.45 14.94
N CYS A 95 -3.01 -4.02 15.29
CA CYS A 95 -3.05 -4.80 16.53
C CYS A 95 -2.84 -6.26 16.18
N ALA A 96 -2.27 -7.01 17.12
CA ALA A 96 -1.97 -8.42 16.91
C ALA A 96 -2.09 -9.13 18.24
N ARG A 97 -2.63 -10.35 18.24
CA ARG A 97 -2.68 -11.13 19.47
C ARG A 97 -1.33 -11.78 19.74
N GLY A 98 -0.87 -11.66 20.97
CA GLY A 98 0.40 -12.23 21.39
C GLY A 98 1.36 -11.16 21.85
N GLU A 99 2.57 -11.60 22.17
CA GLU A 99 3.59 -10.66 22.63
C GLU A 99 4.85 -10.73 21.79
N GLY A 100 4.85 -11.52 20.71
CA GLY A 100 5.90 -11.47 19.72
C GLY A 100 7.01 -12.48 19.88
N TRP A 101 7.02 -13.27 20.95
CA TRP A 101 8.08 -14.26 21.07
C TRP A 101 7.57 -15.60 21.60
N GLU A 102 7.17 -15.70 22.87
CA GLU A 102 6.57 -16.94 23.34
C GLU A 102 5.18 -17.15 22.75
N LEU A 103 4.49 -16.05 22.44
CA LEU A 103 3.18 -16.07 21.78
C LEU A 103 3.33 -15.22 20.53
N PRO A 104 3.72 -15.82 19.40
CA PRO A 104 3.97 -15.05 18.19
C PRO A 104 2.68 -14.48 17.60
N TYR A 105 2.84 -13.59 16.61
CA TYR A 105 1.71 -12.87 16.03
C TYR A 105 1.07 -13.72 14.94
N ASP A 106 0.15 -14.59 15.36
CA ASP A 106 -0.60 -15.40 14.39
C ASP A 106 -1.80 -14.63 13.81
N TYR A 107 -2.49 -13.85 14.63
CA TYR A 107 -3.67 -13.11 14.23
C TYR A 107 -3.40 -11.62 14.26
N TRP A 108 -3.76 -10.93 13.17
CA TRP A 108 -3.51 -9.50 13.00
C TRP A 108 -4.80 -8.79 12.63
N GLY A 109 -4.92 -7.53 13.05
CA GLY A 109 -5.92 -6.65 12.51
C GLY A 109 -5.60 -6.24 11.07
N GLN A 110 -6.50 -5.43 10.51
CA GLN A 110 -6.36 -5.02 9.12
C GLN A 110 -5.52 -3.76 8.97
N GLY A 111 -5.18 -3.11 10.08
CA GLY A 111 -4.39 -1.89 9.99
C GLY A 111 -5.24 -0.65 9.92
N THR A 112 -4.73 0.43 10.52
CA THR A 112 -5.37 1.73 10.47
C THR A 112 -4.30 2.79 10.24
N LEU A 113 -4.60 3.74 9.36
CA LEU A 113 -3.62 4.71 8.88
C LEU A 113 -3.60 5.94 9.78
N VAL A 114 -2.42 6.26 10.32
CA VAL A 114 -2.21 7.46 11.12
C VAL A 114 -1.24 8.36 10.37
N THR A 115 -1.66 9.59 10.07
CA THR A 115 -0.84 10.56 9.35
C THR A 115 -0.63 11.77 10.24
N VAL A 116 0.62 12.07 10.57
CA VAL A 116 0.93 13.15 11.49
C VAL A 116 1.58 14.28 10.69
N SER A 117 0.87 15.39 10.53
CA SER A 117 1.29 16.47 9.64
C SER A 117 0.39 17.67 9.92
N SER A 118 0.93 18.87 9.70
CA SER A 118 0.11 20.07 9.85
C SER A 118 -0.59 20.48 8.56
N ALA A 119 -0.42 19.72 7.49
CA ALA A 119 -1.07 20.06 6.21
C ALA A 119 -2.59 20.02 6.33
N SER A 120 -3.24 20.91 5.60
CA SER A 120 -4.71 20.97 5.60
C SER A 120 -5.32 19.75 4.92
N THR A 121 -6.48 19.36 5.40
CA THR A 121 -7.34 18.44 4.66
C THR A 121 -7.92 19.16 3.46
N LYS A 122 -7.85 18.54 2.29
CA LYS A 122 -8.33 19.16 1.05
C LYS A 122 -9.07 18.10 0.26
N GLY A 123 -10.35 18.37 -0.03
CA GLY A 123 -11.15 17.48 -0.83
C GLY A 123 -10.79 17.59 -2.30
N PRO A 124 -11.04 16.53 -3.06
CA PRO A 124 -10.58 16.49 -4.44
C PRO A 124 -11.46 17.34 -5.37
N SER A 125 -10.83 17.76 -6.46
CA SER A 125 -11.54 18.26 -7.62
C SER A 125 -11.64 17.12 -8.62
N VAL A 126 -12.85 16.89 -9.13
CA VAL A 126 -13.10 15.75 -10.00
C VAL A 126 -13.43 16.25 -11.40
N PHE A 127 -12.66 15.77 -12.38
CA PHE A 127 -12.86 16.15 -13.77
C PHE A 127 -13.15 14.91 -14.61
N PRO A 128 -13.96 15.05 -15.66
CA PRO A 128 -14.27 13.91 -16.52
C PRO A 128 -13.15 13.60 -17.49
N LEU A 129 -12.99 12.30 -17.76
CA LEU A 129 -12.07 11.77 -18.74
C LEU A 129 -12.92 11.10 -19.82
N ALA A 130 -12.86 11.60 -21.04
CA ALA A 130 -13.75 11.12 -22.08
C ALA A 130 -13.11 11.41 -23.43
N PRO A 131 -13.57 10.74 -24.50
CA PRO A 131 -13.14 11.09 -25.85
C PRO A 131 -13.75 12.42 -26.33
N GLY A 138 -18.89 4.46 -33.43
CA GLY A 138 -19.20 3.37 -32.52
C GLY A 138 -17.99 2.83 -31.79
N GLY A 139 -17.84 1.49 -31.82
CA GLY A 139 -16.70 0.88 -31.13
C GLY A 139 -16.87 0.94 -29.62
N THR A 140 -15.78 1.21 -28.93
CA THR A 140 -15.81 1.32 -27.49
C THR A 140 -15.33 2.71 -27.07
N ALA A 141 -15.66 3.08 -25.84
CA ALA A 141 -15.25 4.36 -25.27
C ALA A 141 -14.63 4.11 -23.91
N ALA A 142 -13.45 4.66 -23.68
CA ALA A 142 -12.86 4.69 -22.36
C ALA A 142 -13.33 5.97 -21.67
N LEU A 143 -14.03 5.79 -20.55
CA LEU A 143 -14.52 6.89 -19.73
C LEU A 143 -13.76 6.86 -18.42
N GLY A 144 -13.60 8.03 -17.81
CA GLY A 144 -12.89 8.03 -16.55
C GLY A 144 -13.15 9.27 -15.75
N CYS A 145 -12.56 9.31 -14.56
CA CYS A 145 -12.58 10.54 -13.80
C CYS A 145 -11.19 10.77 -13.24
N LEU A 146 -10.76 12.01 -13.31
CA LEU A 146 -9.50 12.46 -12.75
C LEU A 146 -9.79 13.09 -11.40
N VAL A 147 -9.21 12.54 -10.36
CA VAL A 147 -9.44 12.97 -8.99
C VAL A 147 -8.18 13.73 -8.59
N LYS A 148 -8.26 15.05 -8.53
CA LYS A 148 -7.07 15.90 -8.49
C LYS A 148 -6.93 16.63 -7.17
N ASP A 149 -5.69 16.70 -6.67
CA ASP A 149 -5.26 17.62 -5.62
C ASP A 149 -6.04 17.42 -4.31
N TYR A 150 -5.90 16.24 -3.72
CA TYR A 150 -6.53 15.99 -2.43
C TYR A 150 -5.50 15.59 -1.39
N PHE A 151 -5.92 15.66 -0.12
CA PHE A 151 -5.08 15.26 1.01
C PHE A 151 -5.97 15.10 2.22
N PRO A 152 -5.73 14.11 3.08
CA PRO A 152 -4.78 13.01 2.91
C PRO A 152 -5.40 11.84 2.16
N GLU A 153 -4.66 10.76 1.99
CA GLU A 153 -5.27 9.51 1.56
C GLU A 153 -6.23 9.01 2.64
N PRO A 154 -7.22 8.18 2.28
CA PRO A 154 -7.51 7.60 0.98
C PRO A 154 -8.68 8.26 0.27
N VAL A 155 -8.74 8.06 -1.03
CA VAL A 155 -9.92 8.28 -1.84
C VAL A 155 -10.33 6.92 -2.40
N THR A 156 -11.63 6.65 -2.44
CA THR A 156 -12.12 5.49 -3.17
C THR A 156 -13.07 5.94 -4.27
N VAL A 157 -13.15 5.16 -5.34
CA VAL A 157 -14.00 5.50 -6.47
C VAL A 157 -14.94 4.35 -6.73
N SER A 158 -16.23 4.64 -6.76
CA SER A 158 -17.25 3.73 -7.25
C SER A 158 -17.80 4.28 -8.55
N TRP A 159 -18.49 3.43 -9.29
CA TRP A 159 -19.18 3.84 -10.51
C TRP A 159 -20.65 3.45 -10.37
N ASN A 160 -21.54 4.41 -10.61
CA ASN A 160 -22.99 4.18 -10.55
C ASN A 160 -23.40 3.65 -9.17
N SER A 161 -22.82 4.25 -8.13
CA SER A 161 -23.07 3.88 -6.73
C SER A 161 -22.79 2.41 -6.46
N GLY A 162 -21.82 1.84 -7.17
CA GLY A 162 -21.36 0.50 -6.93
C GLY A 162 -21.99 -0.54 -7.81
N ALA A 163 -23.00 -0.16 -8.60
CA ALA A 163 -23.67 -1.11 -9.48
C ALA A 163 -22.85 -1.46 -10.71
N LEU A 164 -21.86 -0.65 -11.07
CA LEU A 164 -20.98 -0.91 -12.21
C LEU A 164 -19.60 -1.24 -11.67
N THR A 165 -19.18 -2.49 -11.84
CA THR A 165 -17.89 -2.94 -11.32
C THR A 165 -17.06 -3.59 -12.41
N SER A 166 -17.71 -4.19 -13.40
CA SER A 166 -17.00 -4.94 -14.42
C SER A 166 -16.27 -4.00 -15.36
N GLY A 167 -14.97 -4.23 -15.53
CA GLY A 167 -14.16 -3.37 -16.38
C GLY A 167 -13.65 -2.10 -15.73
N VAL A 168 -13.96 -1.87 -14.45
CA VAL A 168 -13.50 -0.67 -13.76
C VAL A 168 -12.07 -0.89 -13.29
N HIS A 169 -11.21 0.11 -13.50
CA HIS A 169 -9.84 0.07 -13.00
C HIS A 169 -9.50 1.41 -12.35
N THR A 170 -9.22 1.40 -11.05
CA THR A 170 -8.84 2.61 -10.32
C THR A 170 -7.35 2.50 -10.03
N PHE A 171 -6.59 3.52 -10.45
CA PHE A 171 -5.15 3.44 -10.38
C PHE A 171 -4.62 3.97 -9.04
N PRO A 172 -3.49 3.44 -8.61
CA PRO A 172 -2.79 4.02 -7.45
C PRO A 172 -2.55 5.51 -7.62
N ALA A 173 -2.66 6.25 -6.52
CA ALA A 173 -2.48 7.69 -6.57
C ALA A 173 -1.02 8.07 -6.81
N VAL A 174 -0.81 9.25 -7.40
CA VAL A 174 0.51 9.88 -7.51
C VAL A 174 0.62 10.97 -6.46
N LEU A 175 1.79 11.07 -5.84
CA LEU A 175 2.10 12.13 -4.89
C LEU A 175 2.81 13.26 -5.65
N GLN A 176 2.16 14.42 -5.77
CA GLN A 176 2.75 15.52 -6.51
C GLN A 176 3.74 16.29 -5.65
N SER A 177 4.58 17.09 -6.32
CA SER A 177 5.57 17.91 -5.62
C SER A 177 4.90 18.88 -4.65
N SER A 178 3.66 19.29 -4.95
CA SER A 178 2.88 20.11 -4.02
C SER A 178 2.58 19.41 -2.71
N GLY A 179 2.75 18.09 -2.62
CA GLY A 179 2.32 17.34 -1.47
C GLY A 179 0.86 16.89 -1.50
N LEU A 180 0.12 17.18 -2.57
CA LEU A 180 -1.23 16.67 -2.74
C LEU A 180 -1.22 15.44 -3.61
N TYR A 181 -2.28 14.63 -3.53
CA TYR A 181 -2.42 13.42 -4.33
C TYR A 181 -3.38 13.63 -5.49
N SER A 182 -3.19 12.82 -6.53
CA SER A 182 -4.15 12.69 -7.62
C SER A 182 -4.26 11.21 -8.00
N LEU A 183 -5.44 10.81 -8.45
CA LEU A 183 -5.57 9.47 -9.03
C LEU A 183 -6.60 9.51 -10.15
N SER A 184 -6.70 8.39 -10.87
CA SER A 184 -7.63 8.23 -11.98
C SER A 184 -8.38 6.91 -11.88
N SER A 185 -9.61 6.89 -12.36
CA SER A 185 -10.40 5.67 -12.46
C SER A 185 -11.01 5.64 -13.87
N VAL A 186 -11.02 4.47 -14.49
CA VAL A 186 -11.41 4.35 -15.89
C VAL A 186 -12.25 3.09 -16.05
N VAL A 187 -13.17 3.14 -17.01
CA VAL A 187 -13.97 1.97 -17.40
C VAL A 187 -14.24 2.08 -18.89
N THR A 188 -14.19 0.95 -19.59
CA THR A 188 -14.44 0.92 -21.03
C THR A 188 -15.85 0.39 -21.29
N VAL A 189 -16.61 1.11 -22.09
CA VAL A 189 -18.01 0.78 -22.34
C VAL A 189 -18.26 0.83 -23.87
N PRO A 190 -19.34 0.19 -24.32
CA PRO A 190 -19.71 0.33 -25.75
C PRO A 190 -20.09 1.78 -26.04
N SER A 191 -19.56 2.31 -27.14
CA SER A 191 -19.88 3.70 -27.49
C SER A 191 -21.37 3.88 -27.74
N SER A 192 -22.06 2.81 -28.13
CA SER A 192 -23.50 2.87 -28.34
C SER A 192 -24.25 3.15 -27.05
N SER A 193 -23.69 2.76 -25.90
CA SER A 193 -24.34 2.96 -24.61
C SER A 193 -24.25 4.39 -24.10
N LEU A 194 -23.37 5.22 -24.65
CA LEU A 194 -23.34 6.63 -24.30
C LEU A 194 -24.57 7.33 -24.87
N GLY A 195 -25.20 8.17 -24.06
CA GLY A 195 -26.47 8.75 -24.45
C GLY A 195 -27.66 7.82 -24.31
N THR A 196 -27.42 6.51 -24.29
CA THR A 196 -28.43 5.54 -23.84
C THR A 196 -28.41 5.37 -22.33
N GLN A 197 -27.23 5.28 -21.72
CA GLN A 197 -27.08 5.01 -20.31
C GLN A 197 -26.19 6.07 -19.67
N THR A 198 -26.29 6.16 -18.34
CA THR A 198 -25.61 7.19 -17.56
C THR A 198 -24.45 6.57 -16.80
N TYR A 199 -23.28 7.21 -16.86
CA TYR A 199 -22.08 6.78 -16.15
C TYR A 199 -21.68 7.90 -15.19
N ILE A 200 -21.64 7.59 -13.91
CA ILE A 200 -21.31 8.55 -12.87
C ILE A 200 -20.22 7.95 -12.02
N CYS A 201 -19.13 8.68 -11.82
CA CYS A 201 -18.13 8.19 -10.89
C CYS A 201 -18.40 8.83 -9.53
N ASN A 202 -18.38 8.00 -8.48
CA ASN A 202 -18.62 8.46 -7.11
C ASN A 202 -17.29 8.46 -6.38
N VAL A 203 -16.81 9.66 -6.05
CA VAL A 203 -15.48 9.83 -5.48
C VAL A 203 -15.66 10.11 -4.00
N ASN A 204 -15.31 9.14 -3.16
CA ASN A 204 -15.49 9.26 -1.72
C ASN A 204 -14.18 9.67 -1.07
N HIS A 205 -14.22 10.77 -0.31
CA HIS A 205 -13.06 11.24 0.47
C HIS A 205 -13.50 11.36 1.93
N LYS A 206 -13.45 10.24 2.64
CA LYS A 206 -13.88 10.24 4.04
C LYS A 206 -13.11 11.23 4.91
N PRO A 207 -11.79 11.44 4.72
CA PRO A 207 -11.11 12.46 5.54
C PRO A 207 -11.74 13.85 5.48
N SER A 208 -12.43 14.21 4.40
CA SER A 208 -13.14 15.49 4.35
C SER A 208 -14.66 15.33 4.36
N ASN A 209 -15.15 14.14 4.69
CA ASN A 209 -16.59 13.88 4.80
C ASN A 209 -17.34 14.31 3.55
N THR A 210 -16.72 14.08 2.38
CA THR A 210 -17.30 14.54 1.13
C THR A 210 -17.32 13.39 0.14
N LYS A 211 -18.40 13.30 -0.63
CA LYS A 211 -18.45 12.46 -1.82
C LYS A 211 -18.80 13.34 -3.01
N VAL A 212 -18.10 13.14 -4.13
CA VAL A 212 -18.35 13.89 -5.35
C VAL A 212 -18.84 12.93 -6.41
N ASP A 213 -19.99 13.23 -7.00
CA ASP A 213 -20.56 12.42 -8.06
C ASP A 213 -20.50 13.22 -9.36
N LYS A 214 -19.71 12.74 -10.31
CA LYS A 214 -19.48 13.43 -11.56
C LYS A 214 -20.01 12.56 -12.70
N ARG A 215 -20.97 13.09 -13.44
CA ARG A 215 -21.45 12.40 -14.64
C ARG A 215 -20.46 12.62 -15.78
N VAL A 216 -20.09 11.52 -16.44
CA VAL A 216 -19.08 11.52 -17.48
C VAL A 216 -19.80 11.28 -18.81
N GLU A 217 -19.80 12.28 -19.67
CA GLU A 217 -20.47 12.10 -20.95
C GLU A 217 -19.82 13.00 -22.01
N PRO A 218 -19.33 12.43 -23.12
CA PRO A 218 -18.61 13.13 -24.20
C PRO A 218 -19.28 14.41 -24.67
N ALA B 3 19.70 -4.46 16.22
CA ALA B 3 19.20 -4.52 14.84
C ALA B 3 19.39 -5.92 14.25
N LEU B 4 18.43 -6.35 13.44
CA LEU B 4 18.51 -7.57 12.67
C LEU B 4 18.77 -7.21 11.22
N THR B 5 19.79 -7.82 10.62
CA THR B 5 20.19 -7.50 9.26
C THR B 5 19.68 -8.55 8.29
N GLN B 6 18.87 -8.13 7.32
CA GLN B 6 18.39 -8.95 6.23
C GLN B 6 18.81 -8.34 4.90
N PRO B 7 19.27 -9.15 3.95
CA PRO B 7 19.46 -8.64 2.59
C PRO B 7 18.17 -8.07 2.05
N PRO B 8 18.20 -6.95 1.33
CA PRO B 8 16.94 -6.34 0.89
C PRO B 8 16.18 -7.18 -0.13
N SER B 9 16.84 -8.09 -0.84
CA SER B 9 16.23 -8.76 -1.98
C SER B 9 16.67 -10.22 -2.05
N GLY B 10 15.78 -11.08 -2.54
CA GLY B 10 16.10 -12.46 -2.84
C GLY B 10 15.32 -12.88 -4.07
N SER B 11 15.76 -13.98 -4.68
CA SER B 11 15.11 -14.42 -5.92
C SER B 11 15.37 -15.89 -6.15
N GLY B 12 14.39 -16.57 -6.72
CA GLY B 12 14.52 -17.96 -7.10
C GLY B 12 13.54 -18.29 -8.21
N SER B 13 13.80 -19.38 -8.88
CA SER B 13 12.89 -19.75 -9.95
C SER B 13 11.95 -20.87 -9.49
N PRO B 14 10.80 -21.06 -10.16
CA PRO B 14 9.79 -21.98 -9.63
C PRO B 14 10.33 -23.39 -9.45
N GLY B 15 9.84 -24.06 -8.41
CA GLY B 15 10.26 -25.40 -8.07
C GLY B 15 11.58 -25.50 -7.31
N GLN B 16 12.40 -24.44 -7.31
CA GLN B 16 13.71 -24.48 -6.69
C GLN B 16 13.61 -24.10 -5.21
N SER B 17 14.76 -23.97 -4.56
CA SER B 17 14.83 -23.53 -3.17
C SER B 17 15.47 -22.16 -3.10
N VAL B 18 15.09 -21.40 -2.08
CA VAL B 18 15.75 -20.16 -1.74
C VAL B 18 15.90 -20.12 -0.23
N THR B 19 16.97 -19.47 0.23
CA THR B 19 17.22 -19.31 1.65
C THR B 19 17.46 -17.83 1.92
N ILE B 20 16.75 -17.30 2.91
CA ILE B 20 16.86 -15.90 3.33
C ILE B 20 17.50 -15.88 4.71
N SER B 21 18.46 -14.99 4.91
CA SER B 21 19.19 -14.95 6.17
C SER B 21 18.79 -13.74 7.00
N CYS B 22 19.08 -13.81 8.30
CA CYS B 22 18.80 -12.72 9.22
C CYS B 22 19.84 -12.78 10.32
N THR B 23 20.70 -11.77 10.39
CA THR B 23 21.87 -11.80 11.25
C THR B 23 21.67 -10.84 12.41
N GLY B 24 21.97 -11.31 13.61
CA GLY B 24 22.03 -10.37 14.71
C GLY B 24 23.16 -10.71 15.67
N THR B 25 22.87 -10.78 16.96
CA THR B 25 23.90 -10.88 17.98
C THR B 25 23.52 -11.96 18.98
N SER B 26 24.45 -12.23 19.90
CA SER B 26 24.18 -13.15 20.99
C SER B 26 23.08 -12.64 21.91
N SER B 27 22.69 -11.38 21.81
CA SER B 27 21.63 -10.82 22.62
C SER B 27 20.23 -11.13 22.09
N ASP B 28 20.12 -11.66 20.88
CA ASP B 28 18.79 -11.95 20.36
C ASP B 28 18.78 -13.27 19.61
N VAL B 29 19.22 -13.28 18.35
CA VAL B 29 19.19 -14.51 17.56
C VAL B 29 20.08 -15.58 18.20
N GLY B 30 21.32 -15.20 18.55
CA GLY B 30 22.22 -16.18 19.13
C GLY B 30 21.89 -16.59 20.56
N GLY B 31 21.11 -15.76 21.28
CA GLY B 31 20.88 -16.01 22.70
C GLY B 31 19.61 -16.74 23.08
N TYR B 32 18.59 -16.72 22.23
CA TYR B 32 17.31 -17.33 22.54
C TYR B 32 16.78 -18.10 21.33
N LYS B 33 15.77 -18.92 21.58
CA LYS B 33 15.03 -19.60 20.51
C LYS B 33 13.70 -18.92 20.24
N TYR B 34 13.76 -17.60 20.03
CA TYR B 34 12.58 -16.78 19.85
C TYR B 34 12.65 -16.02 18.53
N VAL B 35 13.05 -16.72 17.47
CA VAL B 35 13.11 -16.14 16.14
C VAL B 35 11.81 -16.50 15.43
N SER B 36 11.14 -15.49 14.86
CA SER B 36 9.94 -15.70 14.07
C SER B 36 10.14 -15.16 12.66
N TRP B 37 9.33 -15.64 11.73
CA TRP B 37 9.37 -15.19 10.34
C TRP B 37 7.96 -14.87 9.89
N TYR B 38 7.82 -13.73 9.21
CA TYR B 38 6.54 -13.23 8.74
C TYR B 38 6.60 -13.02 7.23
N GLN B 39 5.50 -13.33 6.56
CA GLN B 39 5.33 -13.10 5.14
C GLN B 39 4.31 -11.98 4.93
N GLN B 40 4.67 -10.96 4.16
CA GLN B 40 3.74 -9.86 3.92
C GLN B 40 3.62 -9.56 2.43
N HIS B 41 2.38 -9.61 1.93
CA HIS B 41 1.98 -9.16 0.60
C HIS B 41 1.54 -7.70 0.66
N PRO B 42 1.79 -6.92 -0.40
CA PRO B 42 1.42 -5.50 -0.38
C PRO B 42 -0.06 -5.30 -0.03
N GLY B 43 -0.31 -4.34 0.86
CA GLY B 43 -1.67 -4.02 1.27
C GLY B 43 -2.29 -4.97 2.27
N LYS B 44 -1.53 -5.93 2.80
CA LYS B 44 -2.07 -6.92 3.71
C LYS B 44 -1.25 -6.95 4.98
N ALA B 45 -1.88 -7.41 6.06
CA ALA B 45 -1.14 -7.63 7.30
C ALA B 45 -0.15 -8.77 7.09
N PRO B 46 0.95 -8.78 7.85
CA PRO B 46 1.87 -9.91 7.79
C PRO B 46 1.20 -11.20 8.22
N LYS B 47 1.78 -12.33 7.79
CA LYS B 47 1.31 -13.66 8.13
C LYS B 47 2.44 -14.44 8.80
N LEU B 48 2.15 -15.05 9.94
CA LEU B 48 3.18 -15.81 10.64
C LEU B 48 3.50 -17.09 9.87
N MET B 49 4.78 -17.28 9.56
CA MET B 49 5.23 -18.49 8.85
C MET B 49 5.98 -19.44 9.76
N ILE B 50 6.85 -18.91 10.63
CA ILE B 50 7.71 -19.72 11.49
C ILE B 50 7.80 -19.01 12.83
N TYR B 51 7.84 -19.78 13.92
CA TYR B 51 8.10 -19.20 15.23
C TYR B 51 8.98 -20.15 16.02
N GLU B 52 9.54 -19.62 17.12
CA GLU B 52 10.50 -20.33 17.95
C GLU B 52 11.53 -21.09 17.09
N VAL B 53 12.11 -20.33 16.15
CA VAL B 53 13.19 -20.73 15.24
C VAL B 53 12.70 -21.63 14.11
N SER B 54 11.96 -22.68 14.43
CA SER B 54 11.67 -23.69 13.42
C SER B 54 10.25 -24.26 13.47
N LYS B 55 9.37 -23.75 14.32
CA LYS B 55 8.01 -24.30 14.41
C LYS B 55 7.08 -23.64 13.40
N ARG B 56 6.17 -24.43 12.82
CA ARG B 56 5.22 -23.91 11.85
C ARG B 56 3.82 -23.87 12.43
N PRO B 57 3.10 -22.77 12.29
CA PRO B 57 1.69 -22.76 12.70
C PRO B 57 0.85 -23.62 11.77
N SER B 58 -0.34 -23.98 12.25
CA SER B 58 -1.24 -24.79 11.46
C SER B 58 -1.57 -24.11 10.14
N GLY B 59 -1.59 -24.89 9.07
CA GLY B 59 -1.90 -24.39 7.76
C GLY B 59 -0.72 -23.90 6.96
N VAL B 60 0.43 -23.66 7.60
CA VAL B 60 1.63 -23.22 6.89
C VAL B 60 2.29 -24.43 6.25
N PRO B 61 2.53 -24.42 4.93
CA PRO B 61 3.00 -25.62 4.25
C PRO B 61 4.40 -26.04 4.68
N ASP B 62 4.65 -27.35 4.54
CA ASP B 62 5.88 -27.97 5.00
C ASP B 62 7.11 -27.46 4.28
N ARG B 63 6.97 -26.82 3.11
CA ARG B 63 8.14 -26.39 2.36
C ARG B 63 8.80 -25.15 2.93
N PHE B 64 8.16 -24.44 3.87
CA PHE B 64 8.81 -23.39 4.64
C PHE B 64 9.47 -24.00 5.86
N SER B 65 10.77 -23.71 6.05
CA SER B 65 11.48 -24.24 7.22
C SER B 65 12.43 -23.19 7.77
N GLY B 66 12.58 -23.20 9.09
CA GLY B 66 13.44 -22.24 9.76
C GLY B 66 14.55 -22.94 10.51
N SER B 67 15.71 -22.28 10.57
CA SER B 67 16.84 -22.78 11.33
C SER B 67 17.64 -21.60 11.84
N LYS B 68 18.65 -21.90 12.66
CA LYS B 68 19.62 -20.87 13.01
C LYS B 68 20.94 -21.54 13.37
N SER B 69 22.02 -20.82 13.08
CA SER B 69 23.36 -21.25 13.45
C SER B 69 24.11 -20.03 13.97
N GLY B 70 24.52 -20.08 15.24
CA GLY B 70 25.19 -18.92 15.81
C GLY B 70 24.23 -17.75 15.88
N ASN B 71 24.69 -16.60 15.38
CA ASN B 71 23.89 -15.38 15.43
C ASN B 71 23.08 -15.15 14.16
N THR B 72 22.95 -16.16 13.29
CA THR B 72 22.25 -16.01 12.01
C THR B 72 21.11 -17.01 11.93
N ALA B 73 19.90 -16.51 11.69
CA ALA B 73 18.74 -17.35 11.45
C ALA B 73 18.47 -17.43 9.95
N SER B 74 17.91 -18.55 9.51
CA SER B 74 17.65 -18.76 8.09
C SER B 74 16.25 -19.30 7.86
N LEU B 75 15.59 -18.79 6.83
CA LEU B 75 14.31 -19.29 6.37
C LEU B 75 14.52 -19.86 4.98
N THR B 76 14.10 -21.11 4.78
CA THR B 76 14.24 -21.78 3.50
C THR B 76 12.85 -22.06 2.93
N VAL B 77 12.63 -21.68 1.68
CA VAL B 77 11.42 -22.02 0.96
C VAL B 77 11.81 -22.99 -0.14
N SER B 78 11.28 -24.20 -0.07
CA SER B 78 11.52 -25.17 -1.14
C SER B 78 10.27 -25.27 -2.01
N GLY B 79 10.46 -25.79 -3.22
CA GLY B 79 9.36 -25.85 -4.16
C GLY B 79 8.72 -24.51 -4.35
N LEU B 80 9.52 -23.52 -4.74
CA LEU B 80 9.05 -22.15 -4.85
C LEU B 80 7.88 -22.04 -5.82
N GLN B 81 6.87 -21.28 -5.41
CA GLN B 81 5.70 -21.00 -6.23
C GLN B 81 5.54 -19.49 -6.36
N ALA B 82 4.78 -19.08 -7.38
CA ALA B 82 4.59 -17.65 -7.62
C ALA B 82 3.99 -16.94 -6.41
N GLU B 83 3.08 -17.61 -5.70
CA GLU B 83 2.43 -17.00 -4.55
C GLU B 83 3.38 -16.78 -3.37
N ASP B 84 4.59 -17.36 -3.40
CA ASP B 84 5.57 -17.06 -2.37
C ASP B 84 6.19 -15.68 -2.53
N GLU B 85 5.98 -15.02 -3.67
CA GLU B 85 6.47 -13.66 -3.87
C GLU B 85 5.87 -12.74 -2.80
N ALA B 86 6.73 -12.14 -1.98
CA ALA B 86 6.29 -11.38 -0.82
C ALA B 86 7.52 -10.81 -0.12
N ASP B 87 7.28 -9.94 0.85
CA ASP B 87 8.33 -9.42 1.72
C ASP B 87 8.37 -10.26 3.00
N TYR B 88 9.56 -10.78 3.34
CA TYR B 88 9.71 -11.66 4.50
C TYR B 88 10.50 -10.95 5.58
N TYR B 89 9.94 -10.89 6.79
CA TYR B 89 10.52 -10.22 7.93
C TYR B 89 10.89 -11.25 8.99
N CYS B 90 12.10 -11.15 9.51
CA CYS B 90 12.46 -11.94 10.68
C CYS B 90 12.29 -11.05 11.91
N SER B 91 11.98 -11.68 13.05
CA SER B 91 11.88 -10.95 14.30
C SER B 91 12.55 -11.75 15.39
N SER B 92 12.98 -11.06 16.44
CA SER B 92 13.51 -11.79 17.58
C SER B 92 13.27 -10.99 18.85
N TYR B 93 13.22 -11.69 19.96
CA TYR B 93 13.19 -11.06 21.27
C TYR B 93 14.61 -10.71 21.69
N GLU B 94 14.77 -9.54 22.32
CA GLU B 94 16.08 -9.06 22.73
C GLU B 94 16.38 -9.29 24.21
N GLY B 95 15.47 -9.93 24.97
CA GLY B 95 15.76 -10.36 26.32
C GLY B 95 15.34 -9.41 27.41
N SER B 96 14.75 -8.26 27.08
CA SER B 96 14.41 -7.26 28.08
C SER B 96 13.16 -6.51 27.65
N ASN B 97 12.22 -6.31 28.59
CA ASN B 97 11.08 -5.38 28.42
C ASN B 97 10.27 -5.63 27.15
N ASN B 98 10.08 -6.90 26.81
CA ASN B 98 9.33 -7.30 25.62
C ASN B 98 9.84 -6.61 24.35
N PHE B 99 11.13 -6.29 24.30
CA PHE B 99 11.68 -5.59 23.14
C PHE B 99 11.80 -6.59 21.99
N VAL B 100 10.84 -6.55 21.08
CA VAL B 100 10.83 -7.39 19.88
C VAL B 100 11.31 -6.54 18.72
N VAL B 101 12.36 -7.00 18.05
CA VAL B 101 12.96 -6.29 16.92
C VAL B 101 12.61 -7.03 15.63
N PHE B 102 12.37 -6.27 14.56
CA PHE B 102 12.19 -6.85 13.24
C PHE B 102 13.38 -6.51 12.35
N GLY B 103 13.78 -7.44 11.51
CA GLY B 103 14.71 -7.12 10.45
C GLY B 103 14.07 -6.21 9.42
N GLY B 104 14.89 -5.71 8.49
CA GLY B 104 14.40 -4.76 7.50
C GLY B 104 13.53 -5.36 6.41
N GLY B 105 13.51 -6.69 6.31
CA GLY B 105 12.70 -7.37 5.32
C GLY B 105 13.47 -7.68 4.06
N THR B 106 13.17 -8.83 3.47
CA THR B 106 13.75 -9.28 2.22
C THR B 106 12.62 -9.48 1.22
N LYS B 107 12.67 -8.75 0.11
CA LYS B 107 11.68 -8.91 -0.96
C LYS B 107 12.08 -10.08 -1.84
N LEU B 108 11.26 -11.13 -1.84
CA LEU B 108 11.52 -12.33 -2.62
C LEU B 108 10.77 -12.26 -3.94
N THR B 109 11.50 -12.30 -5.04
CA THR B 109 10.93 -12.36 -6.38
C THR B 109 11.05 -13.79 -6.90
N VAL B 110 9.98 -14.31 -7.48
CA VAL B 110 9.99 -15.62 -8.12
C VAL B 110 10.08 -15.40 -9.62
N LEU B 111 11.13 -15.92 -10.24
CA LEU B 111 11.35 -15.68 -11.66
C LEU B 111 10.39 -16.53 -12.51
N GLY B 112 10.28 -16.17 -13.78
CA GLY B 112 9.60 -17.00 -14.75
C GLY B 112 8.16 -16.64 -15.07
N GLN B 113 7.63 -15.55 -14.52
CA GLN B 113 6.28 -15.16 -14.91
C GLN B 113 6.30 -14.67 -16.36
N PRO B 114 5.28 -14.99 -17.15
CA PRO B 114 5.29 -14.59 -18.56
C PRO B 114 5.38 -13.08 -18.74
N LYS B 115 6.16 -12.65 -19.75
CA LYS B 115 6.21 -11.25 -20.13
C LYS B 115 4.86 -10.80 -20.67
N ALA B 116 4.53 -9.53 -20.44
CA ALA B 116 3.24 -8.99 -20.87
C ALA B 116 3.40 -7.52 -21.22
N ALA B 117 2.94 -7.14 -22.43
CA ALA B 117 3.14 -5.78 -22.89
C ALA B 117 2.08 -4.84 -22.30
N PRO B 118 2.41 -3.57 -22.13
CA PRO B 118 1.47 -2.64 -21.48
C PRO B 118 0.35 -2.18 -22.42
N SER B 119 -0.83 -2.06 -21.84
CA SER B 119 -1.94 -1.33 -22.44
C SER B 119 -1.83 0.12 -22.01
N VAL B 120 -2.05 1.05 -22.94
CA VAL B 120 -1.93 2.48 -22.66
C VAL B 120 -3.21 3.19 -23.10
N THR B 121 -3.77 4.00 -22.20
CA THR B 121 -4.86 4.91 -22.55
C THR B 121 -4.41 6.32 -22.18
N LEU B 122 -4.59 7.27 -23.10
CA LEU B 122 -4.18 8.65 -22.91
C LEU B 122 -5.40 9.55 -23.03
N PHE B 123 -5.59 10.43 -22.03
CA PHE B 123 -6.71 11.34 -22.06
C PHE B 123 -6.24 12.79 -22.20
N PRO B 124 -6.95 13.60 -22.97
CA PRO B 124 -6.67 15.04 -23.04
C PRO B 124 -7.24 15.76 -21.83
N PRO B 125 -6.91 17.04 -21.64
CA PRO B 125 -7.52 17.80 -20.54
C PRO B 125 -9.01 17.98 -20.80
N SER B 126 -9.78 17.99 -19.71
CA SER B 126 -11.21 18.22 -19.83
C SER B 126 -11.50 19.70 -20.05
N SER B 127 -12.68 19.97 -20.62
CA SER B 127 -13.13 21.35 -20.78
C SER B 127 -13.18 22.09 -19.45
N GLU B 128 -13.73 21.46 -18.41
CA GLU B 128 -13.87 22.16 -17.14
C GLU B 128 -12.51 22.46 -16.52
N GLU B 129 -11.52 21.60 -16.73
CA GLU B 129 -10.19 21.90 -16.19
C GLU B 129 -9.56 23.06 -16.96
N LEU B 130 -9.71 23.08 -18.29
CA LEU B 130 -9.21 24.20 -19.07
C LEU B 130 -9.88 25.50 -18.65
N GLN B 131 -11.16 25.46 -18.30
CA GLN B 131 -11.85 26.66 -17.83
C GLN B 131 -11.32 27.13 -16.48
N ALA B 132 -10.74 26.25 -15.67
CA ALA B 132 -10.04 26.60 -14.45
C ALA B 132 -8.60 27.06 -14.70
N ASN B 133 -8.24 27.31 -15.96
CA ASN B 133 -6.90 27.76 -16.35
C ASN B 133 -5.83 26.72 -16.01
N LYS B 134 -6.18 25.44 -16.05
CA LYS B 134 -5.25 24.35 -15.85
C LYS B 134 -5.39 23.34 -16.98
N ALA B 135 -4.40 22.45 -17.09
CA ALA B 135 -4.48 21.36 -18.08
C ALA B 135 -3.60 20.22 -17.61
N THR B 136 -4.16 19.02 -17.55
CA THR B 136 -3.45 17.82 -17.20
C THR B 136 -3.71 16.78 -18.29
N LEU B 137 -2.66 16.19 -18.84
CA LEU B 137 -2.80 14.99 -19.65
C LEU B 137 -2.60 13.76 -18.77
N VAL B 138 -3.39 12.71 -19.02
CA VAL B 138 -3.41 11.55 -18.15
C VAL B 138 -3.07 10.33 -18.99
N CYS B 139 -1.97 9.67 -18.67
CA CYS B 139 -1.52 8.48 -19.37
C CYS B 139 -1.58 7.29 -18.41
N LEU B 140 -2.49 6.35 -18.69
CA LEU B 140 -2.74 5.20 -17.83
C LEU B 140 -2.17 3.94 -18.47
N ILE B 141 -1.37 3.20 -17.70
CA ILE B 141 -0.54 2.10 -18.21
C ILE B 141 -0.85 0.87 -17.37
N SER B 142 -1.27 -0.22 -18.00
CA SER B 142 -1.69 -1.38 -17.22
C SER B 142 -1.31 -2.69 -17.90
N ASP B 143 -1.43 -3.76 -17.12
CA ASP B 143 -1.36 -5.14 -17.58
C ASP B 143 0.02 -5.54 -18.10
N PHE B 144 1.09 -4.96 -17.56
CA PHE B 144 2.42 -5.32 -18.05
C PHE B 144 3.20 -6.10 -17.00
N TYR B 145 4.18 -6.87 -17.50
CA TYR B 145 5.13 -7.63 -16.69
C TYR B 145 6.39 -7.85 -17.50
N PRO B 146 7.59 -7.63 -16.93
CA PRO B 146 7.89 -7.21 -15.55
C PRO B 146 7.53 -5.75 -15.27
N GLY B 147 7.82 -5.25 -14.07
CA GLY B 147 7.33 -3.96 -13.64
C GLY B 147 8.09 -2.72 -14.07
N ALA B 148 9.17 -2.83 -14.83
CA ALA B 148 9.97 -1.66 -15.19
C ALA B 148 9.49 -1.10 -16.53
N VAL B 149 9.05 0.16 -16.53
CA VAL B 149 8.66 0.86 -17.74
C VAL B 149 9.31 2.23 -17.77
N THR B 150 9.43 2.77 -18.98
CA THR B 150 9.96 4.10 -19.22
C THR B 150 8.89 4.91 -19.95
N VAL B 151 8.51 6.05 -19.39
CA VAL B 151 7.48 6.91 -19.99
C VAL B 151 8.16 8.15 -20.56
N ALA B 152 7.84 8.48 -21.80
CA ALA B 152 8.34 9.69 -22.44
C ALA B 152 7.17 10.49 -22.99
N TRP B 153 7.11 11.76 -22.63
CA TRP B 153 6.10 12.66 -23.16
C TRP B 153 6.69 13.48 -24.30
N LYS B 154 5.85 13.75 -25.31
CA LYS B 154 6.28 14.52 -26.47
C LYS B 154 5.24 15.57 -26.82
N ALA B 155 5.71 16.77 -27.13
CA ALA B 155 4.88 17.81 -27.72
C ALA B 155 5.20 17.85 -29.20
N ASP B 156 4.21 17.54 -30.04
CA ASP B 156 4.47 17.23 -31.44
C ASP B 156 5.46 16.07 -31.47
N SER B 157 6.67 16.30 -31.94
CA SER B 157 7.68 15.25 -31.90
C SER B 157 8.78 15.53 -30.88
N SER B 158 8.69 16.61 -30.11
CA SER B 158 9.76 17.09 -29.26
C SER B 158 9.58 16.61 -27.82
N PRO B 159 10.67 16.18 -27.18
CA PRO B 159 10.56 15.66 -25.81
C PRO B 159 10.16 16.74 -24.82
N VAL B 160 9.35 16.34 -23.84
CA VAL B 160 8.91 17.21 -22.76
C VAL B 160 9.22 16.50 -21.44
N LYS B 161 10.05 17.13 -20.60
CA LYS B 161 10.38 16.55 -19.30
C LYS B 161 9.83 17.32 -18.12
N ALA B 162 9.55 18.61 -18.27
CA ALA B 162 9.05 19.39 -17.15
C ALA B 162 7.55 19.13 -16.94
N GLY B 163 7.14 19.20 -15.67
CA GLY B 163 5.75 19.03 -15.31
C GLY B 163 5.25 17.61 -15.42
N VAL B 164 6.13 16.62 -15.29
CA VAL B 164 5.78 15.20 -15.39
C VAL B 164 5.81 14.58 -14.00
N GLU B 165 4.75 13.86 -13.65
CA GLU B 165 4.68 13.05 -12.42
C GLU B 165 4.22 11.65 -12.80
N THR B 166 5.05 10.64 -12.48
CA THR B 166 4.79 9.25 -12.83
C THR B 166 4.86 8.37 -11.59
N THR B 167 3.91 7.45 -11.44
CA THR B 167 3.91 6.60 -10.25
C THR B 167 4.91 5.46 -10.39
N THR B 168 5.32 4.91 -9.25
CA THR B 168 6.08 3.65 -9.24
C THR B 168 5.13 2.51 -9.59
N PRO B 169 5.48 1.64 -10.54
CA PRO B 169 4.55 0.56 -10.91
C PRO B 169 4.27 -0.36 -9.74
N SER B 170 3.03 -0.84 -9.66
CA SER B 170 2.64 -1.77 -8.61
C SER B 170 1.69 -2.81 -9.16
N LYS B 171 1.70 -3.99 -8.55
CA LYS B 171 0.92 -5.10 -9.06
C LYS B 171 -0.56 -4.92 -8.75
N GLN B 172 -1.41 -5.15 -9.74
CA GLN B 172 -2.84 -5.11 -9.53
C GLN B 172 -3.34 -6.53 -9.23
N SER B 173 -4.65 -6.68 -9.10
CA SER B 173 -5.21 -7.98 -8.69
C SER B 173 -4.88 -9.07 -9.69
N ASN B 174 -4.73 -8.74 -10.98
CA ASN B 174 -4.38 -9.70 -12.01
C ASN B 174 -2.92 -10.14 -11.95
N ASN B 175 -2.17 -9.70 -10.93
CA ASN B 175 -0.75 -9.94 -10.73
C ASN B 175 0.12 -9.34 -11.82
N LYS B 176 -0.41 -8.39 -12.60
CA LYS B 176 0.37 -7.61 -13.53
C LYS B 176 0.42 -6.17 -13.03
N TYR B 177 1.38 -5.41 -13.55
CA TYR B 177 1.68 -4.08 -13.05
C TYR B 177 0.84 -3.00 -13.71
N ALA B 178 0.58 -1.92 -12.96
CA ALA B 178 -0.06 -0.73 -13.48
C ALA B 178 0.70 0.50 -13.00
N ALA B 179 0.62 1.57 -13.80
CA ALA B 179 1.28 2.83 -13.45
C ALA B 179 0.54 3.95 -14.15
N SER B 180 0.76 5.18 -13.70
CA SER B 180 0.20 6.30 -14.44
C SER B 180 1.19 7.44 -14.48
N SER B 181 1.04 8.26 -15.51
CA SER B 181 1.87 9.43 -15.71
C SER B 181 0.96 10.61 -16.01
N TYR B 182 1.29 11.75 -15.41
CA TYR B 182 0.51 12.98 -15.53
C TYR B 182 1.40 14.08 -16.07
N LEU B 183 0.94 14.76 -17.11
CA LEU B 183 1.66 15.90 -17.64
C LEU B 183 0.86 17.17 -17.41
N SER B 184 1.44 18.12 -16.67
CA SER B 184 0.82 19.44 -16.46
C SER B 184 1.24 20.42 -17.53
N LEU B 185 0.27 21.06 -18.16
CA LEU B 185 0.51 22.06 -19.19
C LEU B 185 -0.31 23.31 -18.88
N THR B 186 0.08 24.45 -19.45
CA THR B 186 -0.84 25.56 -19.48
C THR B 186 -1.88 25.33 -20.56
N PRO B 187 -3.06 25.96 -20.44
CA PRO B 187 -4.01 25.88 -21.55
C PRO B 187 -3.42 26.35 -22.86
N GLU B 188 -2.50 27.32 -22.82
CA GLU B 188 -1.93 27.83 -24.07
C GLU B 188 -1.05 26.79 -24.73
N GLN B 189 -0.24 26.06 -23.97
CA GLN B 189 0.56 24.97 -24.54
C GLN B 189 -0.34 23.93 -25.19
N TRP B 190 -1.42 23.53 -24.51
CA TRP B 190 -2.30 22.50 -25.05
C TRP B 190 -2.86 22.94 -26.40
N LYS B 191 -3.40 24.16 -26.47
CA LYS B 191 -4.06 24.61 -27.67
C LYS B 191 -3.09 24.91 -28.81
N SER B 192 -1.83 25.21 -28.51
CA SER B 192 -0.88 25.71 -29.49
C SER B 192 -0.04 24.63 -30.15
N HIS B 193 -0.12 23.37 -29.72
CA HIS B 193 0.61 22.29 -30.37
C HIS B 193 -0.34 21.44 -31.19
N ARG B 194 0.19 20.78 -32.23
CA ARG B 194 -0.65 19.90 -33.05
C ARG B 194 -1.11 18.67 -32.28
N SER B 195 -0.27 18.16 -31.37
CA SER B 195 -0.64 16.99 -30.58
C SER B 195 0.36 16.80 -29.45
N TYR B 196 -0.03 15.99 -28.46
CA TYR B 196 0.86 15.48 -27.43
C TYR B 196 0.79 13.95 -27.44
N SER B 197 1.92 13.31 -27.13
CA SER B 197 2.00 11.86 -27.11
C SER B 197 2.61 11.37 -25.80
N CYS B 198 2.14 10.20 -25.38
CA CYS B 198 2.71 9.45 -24.26
C CYS B 198 3.25 8.15 -24.84
N GLN B 199 4.56 7.95 -24.71
CA GLN B 199 5.23 6.77 -25.24
C GLN B 199 5.78 5.94 -24.09
N VAL B 200 5.46 4.65 -24.09
CA VAL B 200 5.84 3.74 -23.03
C VAL B 200 6.75 2.67 -23.61
N THR B 201 7.94 2.53 -23.04
CA THR B 201 8.92 1.54 -23.45
C THR B 201 8.98 0.44 -22.40
N HIS B 202 9.02 -0.80 -22.86
CA HIS B 202 8.97 -1.95 -21.96
C HIS B 202 9.62 -3.14 -22.65
N GLU B 203 10.71 -3.65 -22.07
CA GLU B 203 11.40 -4.84 -22.59
C GLU B 203 11.71 -4.71 -24.08
N GLY B 204 12.21 -3.53 -24.47
CA GLY B 204 12.60 -3.31 -25.85
C GLY B 204 11.48 -3.07 -26.83
N SER B 205 10.23 -2.99 -26.37
CA SER B 205 9.09 -2.74 -27.23
C SER B 205 8.42 -1.43 -26.83
N THR B 206 7.78 -0.76 -27.79
CA THR B 206 7.21 0.54 -27.50
C THR B 206 5.73 0.60 -27.88
N VAL B 207 4.97 1.31 -27.04
CA VAL B 207 3.57 1.65 -27.26
C VAL B 207 3.44 3.15 -27.14
N GLU B 208 2.65 3.77 -28.01
CA GLU B 208 2.45 5.21 -27.89
C GLU B 208 1.03 5.57 -28.28
N LYS B 209 0.47 6.57 -27.58
CA LYS B 209 -0.84 7.14 -27.86
C LYS B 209 -0.69 8.64 -28.03
N THR B 210 -1.58 9.23 -28.82
CA THR B 210 -1.51 10.65 -29.16
C THR B 210 -2.90 11.27 -29.03
N VAL B 211 -2.95 12.49 -28.46
CA VAL B 211 -4.19 13.24 -28.37
C VAL B 211 -3.95 14.63 -28.91
N ALA B 212 -5.04 15.30 -29.31
CA ALA B 212 -4.94 16.62 -29.90
C ALA B 212 -6.15 17.45 -29.48
N PRO B 213 -6.03 18.79 -29.45
CA PRO B 213 -7.12 19.67 -29.00
C PRO B 213 -8.40 19.56 -29.83
S SO4 C . 1.28 -10.49 33.92
O1 SO4 C . 0.83 -9.11 33.74
O2 SO4 C . 0.72 -11.38 32.91
O3 SO4 C . 2.73 -10.52 33.89
O4 SO4 C . 0.83 -10.90 35.26
S SO4 D . 5.78 25.96 -25.26
O1 SO4 D . 6.94 25.97 -26.14
O2 SO4 D . 4.64 26.57 -25.92
O3 SO4 D . 5.48 24.57 -24.89
O4 SO4 D . 6.09 26.74 -24.06
#